data_3WHD
#
_entry.id   3WHD
#
_cell.length_a   85.190
_cell.length_b   96.056
_cell.length_c   104.826
_cell.angle_alpha   90.00
_cell.angle_beta   90.00
_cell.angle_gamma   90.00
#
_symmetry.space_group_name_H-M   'I 2 2 2'
#
loop_
_entity.id
_entity.type
_entity.pdbx_description
1 polymer 'C-type lectin domain family 4 member D'
2 non-polymer 'CALCIUM ION'
3 water water
#
_entity_poly.entity_id   1
_entity_poly.type   'polypeptide(L)'
_entity_poly.pdbx_seq_one_letter_code
;MHAKLKCIKEKSELKSAEGSTWNCCPIDWRAFQSNCYFPLTDNKTWAESERNCSGMGAHLMTISTEAEQNFIIQFLDRRL
SYFLGLRDENAKGQWRWVDQTPFNPRRVFWHKNEPDNSQGENCVVLVYNQDKWAWNDVPCNFEASRICKIPGTTLN
;
_entity_poly.pdbx_strand_id   A,C
#
loop_
_chem_comp.id
_chem_comp.type
_chem_comp.name
_chem_comp.formula
CA non-polymer 'CALCIUM ION' 'Ca 2'
#
# COMPACT_ATOMS: atom_id res chain seq x y z
N HIS A 2 3.53 3.89 17.26
CA HIS A 2 3.04 3.36 15.99
C HIS A 2 3.23 4.32 14.78
N ALA A 3 3.79 3.78 13.70
CA ALA A 3 3.78 4.47 12.40
C ALA A 3 3.58 3.43 11.30
N LYS A 4 3.18 3.88 10.13
CA LYS A 4 2.78 2.97 9.06
C LYS A 4 3.41 3.35 7.73
N LEU A 5 4.17 2.43 7.14
CA LEU A 5 4.92 2.75 5.92
C LEU A 5 4.46 1.95 4.73
N LYS A 6 4.74 2.49 3.55
CA LYS A 6 4.59 1.75 2.32
C LYS A 6 6.01 1.62 1.76
N CYS A 7 6.51 0.38 1.69
CA CYS A 7 7.87 0.13 1.25
C CYS A 7 7.94 -0.62 -0.07
N ILE A 8 8.82 -0.16 -0.95
CA ILE A 8 9.00 -0.76 -2.27
C ILE A 8 10.48 -0.94 -2.54
N LYS A 9 10.87 -2.09 -3.11
CA LYS A 9 12.16 -2.14 -3.78
C LYS A 9 11.97 -2.03 -5.29
N SER A 20 18.39 -7.13 -0.36
CA SER A 20 18.30 -5.81 -0.97
C SER A 20 17.75 -4.74 -0.01
N THR A 21 17.62 -3.51 -0.50
CA THR A 21 17.13 -2.40 0.32
C THR A 21 15.69 -2.04 -0.05
N TRP A 22 14.97 -1.44 0.90
CA TRP A 22 13.58 -1.05 0.67
C TRP A 22 13.39 0.46 0.83
N ASN A 23 12.75 1.08 -0.16
CA ASN A 23 12.45 2.51 -0.08
C ASN A 23 11.05 2.74 0.44
N CYS A 24 10.93 3.52 1.51
CA CYS A 24 9.65 3.70 2.22
C CYS A 24 9.14 5.15 2.25
N CYS A 25 7.82 5.29 2.23
CA CYS A 25 7.14 6.58 2.38
C CYS A 25 6.02 6.38 3.40
N PRO A 26 5.45 7.48 3.91
CA PRO A 26 4.26 7.21 4.75
C PRO A 26 3.17 6.56 3.89
N ILE A 27 2.31 5.75 4.51
CA ILE A 27 1.44 4.82 3.78
C ILE A 27 0.64 5.47 2.63
N ASP A 28 0.17 6.70 2.83
CA ASP A 28 -0.73 7.32 1.85
C ASP A 28 -0.07 8.29 0.88
N TRP A 29 1.25 8.46 0.96
CA TRP A 29 1.98 9.34 0.05
C TRP A 29 2.32 8.65 -1.28
N ARG A 30 2.55 9.43 -2.33
CA ARG A 30 2.98 8.84 -3.62
C ARG A 30 4.48 8.68 -3.59
N ALA A 31 4.98 7.56 -4.13
CA ALA A 31 6.40 7.22 -4.06
C ALA A 31 7.09 7.30 -5.43
N PHE A 32 8.27 7.91 -5.47
CA PHE A 32 9.09 7.95 -6.69
C PHE A 32 10.55 8.23 -6.33
N GLN A 33 11.46 7.31 -6.73
CA GLN A 33 12.91 7.50 -6.57
C GLN A 33 13.33 8.12 -5.22
N SER A 34 13.11 7.41 -4.13
CA SER A 34 13.59 7.85 -2.81
C SER A 34 12.87 9.06 -2.21
N ASN A 35 11.86 9.58 -2.90
CA ASN A 35 11.07 10.69 -2.34
C ASN A 35 9.58 10.41 -2.29
N CYS A 36 8.90 11.12 -1.40
CA CYS A 36 7.47 10.95 -1.18
C CYS A 36 6.74 12.26 -1.39
N TYR A 37 5.60 12.21 -2.09
CA TYR A 37 4.89 13.41 -2.54
C TYR A 37 3.39 13.38 -2.20
N PHE A 38 2.82 14.56 -1.98
CA PHE A 38 1.39 14.67 -1.72
C PHE A 38 0.81 15.97 -2.27
N PRO A 39 0.01 15.88 -3.36
CA PRO A 39 -0.65 17.08 -3.88
C PRO A 39 -1.83 17.44 -2.97
N LEU A 40 -2.02 18.72 -2.70
CA LEU A 40 -3.10 19.16 -1.82
C LEU A 40 -3.85 20.33 -2.47
N THR A 41 -5.17 20.33 -2.39
CA THR A 41 -5.99 21.19 -3.26
C THR A 41 -6.69 22.39 -2.61
N ASP A 42 -6.67 22.48 -1.29
CA ASP A 42 -7.24 23.67 -0.64
C ASP A 42 -6.32 24.88 -0.82
N ASN A 43 -6.90 25.99 -1.26
CA ASN A 43 -6.12 27.18 -1.60
C ASN A 43 -5.39 27.83 -0.44
N LYS A 44 -4.12 28.16 -0.65
CA LYS A 44 -3.29 28.89 0.31
C LYS A 44 -2.28 29.75 -0.46
N THR A 45 -1.76 30.80 0.19
CA THR A 45 -0.64 31.55 -0.37
C THR A 45 0.61 30.69 -0.34
N TRP A 46 1.66 31.12 -1.05
CA TRP A 46 2.88 30.35 -1.10
C TRP A 46 3.43 30.08 0.31
N ALA A 47 3.48 31.12 1.14
CA ALA A 47 4.07 30.95 2.47
C ALA A 47 3.20 30.07 3.38
N GLU A 48 1.87 30.24 3.29
CA GLU A 48 0.96 29.35 4.00
C GLU A 48 1.11 27.91 3.51
N SER A 49 1.35 27.76 2.21
CA SER A 49 1.52 26.44 1.62
C SER A 49 2.77 25.74 2.16
N GLU A 50 3.89 26.47 2.17
CA GLU A 50 5.10 25.94 2.77
C GLU A 50 4.93 25.68 4.27
N ARG A 51 4.14 26.50 4.94
CA ARG A 51 3.91 26.31 6.37
C ARG A 51 3.17 24.99 6.58
N ASN A 52 2.19 24.74 5.72
CA ASN A 52 1.46 23.49 5.77
C ASN A 52 2.35 22.28 5.49
N CYS A 53 3.27 22.43 4.54
CA CYS A 53 4.13 21.28 4.20
C CYS A 53 5.08 20.99 5.36
N SER A 54 5.70 22.03 5.88
CA SER A 54 6.69 21.87 6.95
C SER A 54 6.07 21.24 8.21
N GLY A 55 4.80 21.53 8.46
CA GLY A 55 4.07 20.90 9.55
C GLY A 55 3.97 19.39 9.44
N MET A 56 4.27 18.84 8.27
CA MET A 56 4.27 17.40 8.05
C MET A 56 5.69 16.88 7.86
N GLY A 57 6.68 17.69 8.23
CA GLY A 57 8.07 17.31 8.05
C GLY A 57 8.50 17.53 6.61
N ALA A 58 7.64 18.15 5.82
CA ALA A 58 7.84 18.24 4.38
C ALA A 58 8.23 19.65 3.93
N HIS A 59 8.40 19.81 2.62
CA HIS A 59 8.65 21.11 2.03
C HIS A 59 7.86 21.17 0.73
N LEU A 60 7.61 22.38 0.23
CA LEU A 60 7.05 22.52 -1.11
C LEU A 60 7.97 21.81 -2.11
N MET A 61 7.40 21.13 -3.09
CA MET A 61 8.16 20.25 -3.97
C MET A 61 9.28 20.94 -4.76
N THR A 62 10.48 20.37 -4.66
CA THR A 62 11.57 20.73 -5.56
C THR A 62 11.53 19.81 -6.78
N ILE A 63 11.62 20.39 -7.98
CA ILE A 63 11.64 19.61 -9.22
C ILE A 63 13.02 19.74 -9.89
N SER A 64 13.76 18.63 -9.92
CA SER A 64 15.14 18.63 -10.43
C SER A 64 15.29 17.99 -11.81
N THR A 65 14.39 17.06 -12.12
CA THR A 65 14.44 16.37 -13.40
C THR A 65 13.06 16.32 -14.02
N GLU A 66 13.02 16.21 -15.35
CA GLU A 66 11.78 15.99 -16.07
C GLU A 66 11.08 14.70 -15.61
N ALA A 67 11.86 13.70 -15.22
CA ALA A 67 11.28 12.42 -14.79
C ALA A 67 10.40 12.65 -13.55
N GLU A 68 10.94 13.46 -12.65
CA GLU A 68 10.25 13.81 -11.42
C GLU A 68 8.94 14.56 -11.70
N GLN A 69 9.02 15.58 -12.56
CA GLN A 69 7.80 16.28 -12.99
C GLN A 69 6.78 15.36 -13.70
N ASN A 70 7.24 14.55 -14.64
CA ASN A 70 6.37 13.61 -15.33
C ASN A 70 5.65 12.66 -14.37
N PHE A 71 6.32 12.30 -13.28
CA PHE A 71 5.71 11.45 -12.26
C PHE A 71 4.58 12.18 -11.55
N ILE A 72 4.86 13.37 -11.04
CA ILE A 72 3.87 14.06 -10.23
C ILE A 72 2.64 14.54 -11.02
N ILE A 73 2.82 14.94 -12.28
CA ILE A 73 1.70 15.52 -13.02
C ILE A 73 0.54 14.55 -13.24
N GLN A 74 0.79 13.26 -13.18
CA GLN A 74 -0.31 12.32 -13.40
C GLN A 74 -1.33 12.35 -12.25
N PHE A 75 -0.95 12.96 -11.14
CA PHE A 75 -1.84 13.06 -9.99
C PHE A 75 -2.44 14.46 -9.81
N LEU A 76 -2.20 15.34 -10.78
CA LEU A 76 -2.64 16.73 -10.67
C LEU A 76 -3.94 17.00 -11.42
N ASP A 77 -4.77 17.87 -10.86
CA ASP A 77 -6.01 18.33 -11.51
C ASP A 77 -5.70 19.46 -12.51
N ARG A 78 -5.97 19.22 -13.79
CA ARG A 78 -5.67 20.18 -14.85
C ARG A 78 -6.34 21.56 -14.72
N ARG A 79 -7.31 21.68 -13.80
CA ARG A 79 -7.99 22.96 -13.57
C ARG A 79 -7.29 23.81 -12.53
N LEU A 80 -6.25 23.27 -11.89
CA LEU A 80 -5.63 23.94 -10.76
C LEU A 80 -4.16 24.27 -10.99
N SER A 81 -3.68 25.30 -10.28
CA SER A 81 -2.24 25.57 -10.20
C SER A 81 -1.70 25.00 -8.89
N TYR A 82 -0.50 24.44 -8.91
CA TYR A 82 0.11 23.89 -7.71
C TYR A 82 1.46 24.58 -7.41
N PHE A 83 1.57 25.18 -6.23
CA PHE A 83 2.85 25.76 -5.81
C PHE A 83 3.96 24.70 -5.71
N LEU A 84 5.12 25.04 -6.27
CA LEU A 84 6.37 24.33 -6.06
C LEU A 84 7.21 25.15 -5.09
N GLY A 85 8.42 24.68 -4.76
CA GLY A 85 9.22 25.36 -3.75
C GLY A 85 10.05 26.53 -4.25
N LEU A 86 9.94 26.83 -5.54
CA LEU A 86 10.84 27.82 -6.15
C LEU A 86 10.31 29.25 -6.01
N ARG A 87 11.15 30.11 -5.45
CA ARG A 87 10.78 31.49 -5.14
C ARG A 87 11.91 32.50 -5.45
N ASP A 88 11.52 33.65 -5.99
CA ASP A 88 12.42 34.76 -6.28
C ASP A 88 11.94 35.97 -5.48
N GLU A 89 12.54 36.24 -4.33
CA GLU A 89 11.93 37.20 -3.41
C GLU A 89 11.94 38.69 -3.83
N ASN A 90 12.88 39.10 -4.67
CA ASN A 90 12.98 40.52 -5.07
C ASN A 90 12.97 40.72 -6.59
N ALA A 91 12.56 39.69 -7.33
CA ALA A 91 12.45 39.75 -8.79
C ALA A 91 13.77 40.03 -9.50
N LYS A 92 14.85 39.48 -8.96
CA LYS A 92 16.16 39.68 -9.55
C LYS A 92 16.52 38.50 -10.44
N GLY A 93 15.67 37.47 -10.42
CA GLY A 93 16.03 36.22 -11.03
C GLY A 93 16.89 35.38 -10.10
N GLN A 94 16.84 35.69 -8.81
CA GLN A 94 17.56 34.88 -7.81
C GLN A 94 16.62 33.77 -7.27
N TRP A 95 16.22 32.85 -8.16
CA TRP A 95 15.31 31.74 -7.81
C TRP A 95 15.93 30.77 -6.83
N ARG A 96 15.26 30.51 -5.71
CA ARG A 96 15.77 29.58 -4.69
C ARG A 96 14.71 28.54 -4.29
N TRP A 97 15.12 27.28 -4.18
CA TRP A 97 14.25 26.23 -3.67
C TRP A 97 14.17 26.32 -2.15
N VAL A 98 12.96 26.34 -1.62
CA VAL A 98 12.80 26.49 -0.18
C VAL A 98 13.37 25.28 0.59
N ASP A 99 13.43 24.11 -0.06
CA ASP A 99 14.03 22.95 0.63
C ASP A 99 15.57 22.99 0.58
N GLN A 100 16.11 24.06 0.02
CA GLN A 100 17.56 24.37 -0.01
C GLN A 100 18.35 23.56 -1.02
N THR A 101 17.65 22.82 -1.88
CA THR A 101 18.28 22.23 -3.05
C THR A 101 18.84 23.39 -3.85
N PRO A 102 20.10 23.30 -4.27
CA PRO A 102 20.69 24.36 -5.08
C PRO A 102 19.99 24.52 -6.43
N PHE A 103 19.60 25.75 -6.77
CA PHE A 103 18.91 26.02 -8.03
C PHE A 103 19.80 25.76 -9.26
N ASN A 104 19.31 24.92 -10.18
CA ASN A 104 20.04 24.60 -11.39
C ASN A 104 19.34 25.16 -12.63
N PRO A 105 19.83 26.32 -13.14
CA PRO A 105 19.14 27.00 -14.25
C PRO A 105 19.22 26.28 -15.61
N ARG A 106 19.91 25.16 -15.68
CA ARG A 106 19.94 24.36 -16.91
C ARG A 106 18.86 23.28 -16.88
N ARG A 107 18.10 23.25 -15.78
CA ARG A 107 16.99 22.31 -15.65
C ARG A 107 15.71 23.03 -15.19
N VAL A 108 15.17 23.88 -16.05
CA VAL A 108 13.91 24.57 -15.78
C VAL A 108 12.81 24.15 -16.77
N PHE A 109 11.56 24.40 -16.41
CA PHE A 109 10.45 23.91 -17.22
C PHE A 109 9.33 24.93 -17.39
N TRP A 110 9.74 26.14 -17.76
CA TRP A 110 8.80 27.23 -17.93
C TRP A 110 7.88 26.98 -19.12
N HIS A 111 6.65 27.46 -19.01
CA HIS A 111 5.81 27.60 -20.18
C HIS A 111 6.44 28.61 -21.13
N LYS A 112 6.00 28.59 -22.39
CA LYS A 112 6.35 29.61 -23.37
C LYS A 112 6.04 30.97 -22.78
N ASN A 113 6.94 31.93 -22.96
CA ASN A 113 6.76 33.29 -22.46
C ASN A 113 6.72 33.44 -20.94
N GLU A 114 7.32 32.47 -20.23
CA GLU A 114 7.49 32.58 -18.78
C GLU A 114 8.98 32.33 -18.45
N PRO A 115 9.47 32.89 -17.33
CA PRO A 115 8.80 33.73 -16.33
C PRO A 115 8.64 35.16 -16.85
N ASP A 116 7.56 35.85 -16.47
CA ASP A 116 7.24 37.13 -17.08
C ASP A 116 6.87 38.25 -16.09
N ASN A 117 7.05 38.00 -14.80
CA ASN A 117 6.90 39.07 -13.80
C ASN A 117 8.25 39.75 -13.55
N SER A 118 8.30 41.06 -13.74
CA SER A 118 9.54 41.79 -13.59
C SER A 118 9.63 42.56 -12.28
N GLN A 119 8.59 42.41 -11.45
CA GLN A 119 8.52 43.13 -10.17
C GLN A 119 7.96 42.26 -9.06
N GLY A 120 8.33 42.60 -7.82
CA GLY A 120 7.73 42.00 -6.65
C GLY A 120 8.31 40.65 -6.25
N GLU A 121 7.58 39.98 -5.37
CA GLU A 121 7.96 38.68 -4.82
C GLU A 121 7.26 37.59 -5.65
N ASN A 122 8.00 36.83 -6.44
CA ASN A 122 7.38 35.84 -7.33
C ASN A 122 7.69 34.38 -6.99
N CYS A 123 6.71 33.53 -7.25
CA CYS A 123 6.77 32.12 -6.89
C CYS A 123 6.32 31.30 -8.08
N VAL A 124 6.60 30.01 -8.08
CA VAL A 124 6.17 29.26 -9.24
C VAL A 124 5.11 28.20 -8.96
N VAL A 125 4.18 28.12 -9.89
CA VAL A 125 3.17 27.07 -9.88
C VAL A 125 3.37 26.14 -11.06
N LEU A 126 3.07 24.86 -10.85
CA LEU A 126 2.86 23.93 -11.94
C LEU A 126 1.44 24.18 -12.45
N VAL A 127 1.29 24.49 -13.72
CA VAL A 127 -0.03 24.76 -14.28
C VAL A 127 -0.17 24.13 -15.67
N TYR A 128 -1.39 23.69 -15.98
CA TYR A 128 -1.71 23.15 -17.30
C TYR A 128 -2.22 24.24 -18.24
N ASN A 129 -1.54 24.40 -19.37
CA ASN A 129 -1.86 25.44 -20.34
C ASN A 129 -1.29 25.01 -21.68
N GLN A 130 -2.06 25.23 -22.74
CA GLN A 130 -1.64 24.85 -24.09
C GLN A 130 -1.36 23.33 -24.19
N ASP A 131 -2.23 22.54 -23.56
CA ASP A 131 -2.14 21.07 -23.55
C ASP A 131 -0.86 20.49 -22.92
N LYS A 132 -0.36 21.13 -21.88
CA LYS A 132 0.95 20.80 -21.34
C LYS A 132 1.16 21.30 -19.90
N TRP A 133 1.76 20.47 -19.06
CA TRP A 133 2.17 20.91 -17.72
C TRP A 133 3.54 21.57 -17.77
N ALA A 134 3.62 22.80 -17.25
CA ALA A 134 4.88 23.52 -17.15
C ALA A 134 4.82 24.61 -16.07
N TRP A 135 5.90 25.36 -15.91
CA TRP A 135 5.97 26.35 -14.83
C TRP A 135 5.47 27.72 -15.25
N ASN A 136 4.81 28.39 -14.32
CA ASN A 136 4.40 29.76 -14.48
C ASN A 136 4.83 30.49 -13.23
N ASP A 137 5.37 31.70 -13.37
CA ASP A 137 5.67 32.50 -12.20
C ASP A 137 4.45 33.32 -11.84
N VAL A 138 4.25 33.48 -10.54
CA VAL A 138 3.01 33.99 -10.00
C VAL A 138 3.42 34.76 -8.73
N PRO A 139 2.68 35.84 -8.40
CA PRO A 139 2.95 36.54 -7.14
C PRO A 139 2.82 35.57 -5.95
N CYS A 140 3.74 35.65 -5.00
CA CYS A 140 3.73 34.71 -3.88
C CYS A 140 2.48 34.84 -3.00
N ASN A 141 1.80 35.97 -3.10
CA ASN A 141 0.56 36.17 -2.34
C ASN A 141 -0.69 35.63 -3.05
N PHE A 142 -0.54 35.16 -4.29
CA PHE A 142 -1.63 34.43 -4.96
C PHE A 142 -1.97 33.15 -4.19
N GLU A 143 -3.23 32.74 -4.28
CA GLU A 143 -3.66 31.54 -3.59
C GLU A 143 -3.81 30.39 -4.60
N ALA A 144 -3.27 29.22 -4.27
CA ALA A 144 -3.35 28.06 -5.16
C ALA A 144 -3.23 26.79 -4.36
N SER A 145 -3.23 25.66 -5.06
CA SER A 145 -2.94 24.37 -4.44
C SER A 145 -1.43 24.22 -4.28
N ARG A 146 -1.00 23.02 -3.89
CA ARG A 146 0.40 22.76 -3.60
C ARG A 146 0.80 21.28 -3.69
N ILE A 147 2.10 21.04 -3.80
CA ILE A 147 2.65 19.70 -3.72
C ILE A 147 3.72 19.69 -2.63
N CYS A 148 3.46 18.91 -1.58
CA CYS A 148 4.44 18.65 -0.53
C CYS A 148 5.34 17.44 -0.89
N LYS A 149 6.60 17.52 -0.49
CA LYS A 149 7.59 16.49 -0.76
C LYS A 149 8.44 16.27 0.50
N ILE A 150 8.67 15.01 0.86
CA ILE A 150 9.50 14.63 2.00
C ILE A 150 10.44 13.49 1.58
N PRO A 151 11.71 13.55 2.02
CA PRO A 151 12.63 12.48 1.60
C PRO A 151 12.16 11.14 2.12
N GLY A 152 12.31 10.08 1.32
CA GLY A 152 11.92 8.76 1.76
C GLY A 152 12.80 8.24 2.89
N THR A 153 12.38 7.15 3.51
CA THR A 153 13.23 6.45 4.47
C THR A 153 13.67 5.09 3.92
N THR A 154 14.64 4.47 4.58
CA THR A 154 15.27 3.26 4.06
C THR A 154 15.29 2.10 5.07
N LEU A 155 14.99 0.89 4.59
CA LEU A 155 15.15 -0.33 5.37
C LEU A 155 15.61 -1.40 4.37
N ASN A 156 16.26 -2.49 4.79
CA ASN A 156 16.71 -2.72 6.15
C ASN A 156 18.23 -2.86 6.22
N MET B 1 6.99 -12.01 -5.06
CA MET B 1 6.17 -11.35 -6.08
C MET B 1 5.37 -10.21 -5.46
N HIS B 2 5.88 -9.67 -4.37
CA HIS B 2 5.22 -8.56 -3.71
C HIS B 2 6.17 -7.37 -3.60
N ALA B 3 6.18 -6.54 -4.63
CA ALA B 3 7.10 -5.42 -4.70
C ALA B 3 6.72 -4.35 -3.69
N LYS B 4 5.45 -4.31 -3.31
CA LYS B 4 4.93 -3.25 -2.43
C LYS B 4 4.45 -3.81 -1.06
N LEU B 5 5.02 -3.29 0.03
CA LEU B 5 4.69 -3.76 1.37
C LEU B 5 4.06 -2.67 2.24
N LYS B 6 3.18 -3.09 3.16
CA LYS B 6 2.73 -2.25 4.25
C LYS B 6 3.53 -2.70 5.48
N CYS B 7 4.29 -1.77 6.06
CA CYS B 7 5.13 -2.06 7.22
C CYS B 7 4.60 -1.33 8.45
N ILE B 8 4.62 -2.02 9.59
CA ILE B 8 4.06 -1.48 10.83
C ILE B 8 5.08 -1.61 11.95
N LYS B 9 5.30 -0.51 12.68
CA LYS B 9 6.31 -0.51 13.75
C LYS B 9 5.98 -1.48 14.89
N GLU B 10 7.00 -2.21 15.33
CA GLU B 10 6.89 -3.13 16.47
C GLU B 10 6.94 -2.37 17.80
N LYS B 11 6.28 -2.92 18.82
CA LYS B 11 6.35 -2.36 20.16
C LYS B 11 7.44 -3.04 21.00
N SER B 20 14.91 1.08 14.36
CA SER B 20 13.94 0.24 15.05
C SER B 20 13.45 -0.92 14.18
N THR B 21 12.38 -1.58 14.60
CA THR B 21 11.92 -2.81 13.95
C THR B 21 10.50 -2.74 13.38
N TRP B 22 10.34 -3.17 12.12
CA TRP B 22 9.06 -3.11 11.42
C TRP B 22 8.62 -4.48 10.89
N ASN B 23 7.34 -4.78 11.07
CA ASN B 23 6.77 -6.01 10.51
C ASN B 23 5.89 -5.69 9.31
N CYS B 24 6.17 -6.37 8.20
CA CYS B 24 5.60 -6.02 6.90
C CYS B 24 4.85 -7.18 6.27
N CYS B 25 3.82 -6.85 5.48
CA CYS B 25 3.09 -7.83 4.67
C CYS B 25 2.90 -7.18 3.30
N PRO B 26 2.50 -7.97 2.28
CA PRO B 26 2.08 -7.29 1.05
C PRO B 26 0.97 -6.29 1.39
N ILE B 27 0.99 -5.14 0.74
CA ILE B 27 0.17 -3.98 1.10
C ILE B 27 -1.34 -4.26 1.25
N ASP B 28 -1.88 -5.22 0.49
CA ASP B 28 -3.31 -5.55 0.61
C ASP B 28 -3.63 -6.61 1.66
N TRP B 29 -2.62 -7.26 2.20
CA TRP B 29 -2.86 -8.41 3.10
C TRP B 29 -3.08 -8.00 4.54
N ARG B 30 -3.57 -8.93 5.36
CA ARG B 30 -3.82 -8.68 6.76
C ARG B 30 -2.73 -9.32 7.62
N ALA B 31 -2.13 -8.53 8.51
CA ALA B 31 -0.99 -8.98 9.32
C ALA B 31 -1.43 -9.53 10.67
N PHE B 32 -0.78 -10.60 11.12
CA PHE B 32 -1.04 -11.12 12.47
C PHE B 32 0.08 -12.06 12.88
N GLN B 33 0.75 -11.72 13.99
CA GLN B 33 1.81 -12.56 14.55
C GLN B 33 2.78 -13.08 13.47
N SER B 34 3.38 -12.11 12.78
CA SER B 34 4.43 -12.34 11.79
C SER B 34 4.03 -13.15 10.54
N ASN B 35 2.74 -13.39 10.36
CA ASN B 35 2.25 -13.90 9.08
C ASN B 35 1.27 -12.91 8.42
N CYS B 36 0.95 -13.16 7.16
CA CYS B 36 0.08 -12.29 6.39
C CYS B 36 -1.02 -13.13 5.75
N TYR B 37 -2.26 -12.63 5.79
CA TYR B 37 -3.41 -13.39 5.30
C TYR B 37 -4.21 -12.60 4.25
N PHE B 38 -4.94 -13.32 3.41
CA PHE B 38 -5.57 -12.75 2.23
C PHE B 38 -6.80 -13.57 1.87
N PRO B 39 -7.97 -13.18 2.41
CA PRO B 39 -9.20 -13.90 2.08
C PRO B 39 -9.71 -13.46 0.72
N LEU B 40 -10.13 -14.41 -0.10
CA LEU B 40 -10.58 -14.13 -1.45
C LEU B 40 -11.93 -14.82 -1.66
N THR B 41 -12.86 -14.09 -2.28
CA THR B 41 -14.27 -14.51 -2.28
C THR B 41 -14.78 -15.26 -3.51
N ASP B 42 -14.10 -15.14 -4.65
CA ASP B 42 -14.56 -15.85 -5.86
C ASP B 42 -14.46 -17.38 -5.70
N ASN B 43 -15.43 -18.11 -6.23
CA ASN B 43 -15.49 -19.55 -6.07
C ASN B 43 -14.44 -20.32 -6.88
N LYS B 44 -13.75 -21.25 -6.23
CA LYS B 44 -12.83 -22.20 -6.90
C LYS B 44 -12.87 -23.53 -6.14
N THR B 45 -12.44 -24.61 -6.80
CA THR B 45 -12.26 -25.89 -6.12
C THR B 45 -11.08 -25.77 -5.15
N TRP B 46 -10.88 -26.77 -4.31
CA TRP B 46 -9.76 -26.72 -3.37
C TRP B 46 -8.41 -26.65 -4.11
N ALA B 47 -8.23 -27.52 -5.11
CA ALA B 47 -6.97 -27.56 -5.85
C ALA B 47 -6.72 -26.26 -6.61
N GLU B 48 -7.78 -25.71 -7.21
CA GLU B 48 -7.65 -24.43 -7.92
C GLU B 48 -7.34 -23.29 -6.96
N SER B 49 -7.90 -23.38 -5.75
CA SER B 49 -7.64 -22.39 -4.71
C SER B 49 -6.18 -22.43 -4.28
N GLU B 50 -5.65 -23.62 -4.04
CA GLU B 50 -4.24 -23.75 -3.66
C GLU B 50 -3.31 -23.27 -4.78
N ARG B 51 -3.64 -23.60 -6.02
CA ARG B 51 -2.89 -23.07 -7.16
C ARG B 51 -2.90 -21.52 -7.19
N ASN B 52 -4.04 -20.93 -6.89
CA ASN B 52 -4.13 -19.47 -6.85
C ASN B 52 -3.24 -18.88 -5.75
N CYS B 53 -3.30 -19.45 -4.55
CA CYS B 53 -2.40 -19.04 -3.46
C CYS B 53 -0.93 -19.25 -3.85
N SER B 54 -0.67 -20.40 -4.44
CA SER B 54 0.68 -20.79 -4.85
C SER B 54 1.31 -19.78 -5.81
N GLY B 55 0.54 -19.34 -6.80
CA GLY B 55 0.99 -18.32 -7.73
C GLY B 55 1.37 -16.99 -7.09
N MET B 56 0.99 -16.79 -5.83
CA MET B 56 1.39 -15.57 -5.13
C MET B 56 2.42 -15.92 -4.09
N GLY B 57 3.02 -17.10 -4.24
CA GLY B 57 4.04 -17.53 -3.29
C GLY B 57 3.43 -17.85 -1.94
N ALA B 58 2.12 -18.05 -1.92
CA ALA B 58 1.43 -18.30 -0.67
C ALA B 58 0.92 -19.75 -0.61
N HIS B 59 0.24 -20.10 0.48
CA HIS B 59 -0.48 -21.38 0.54
C HIS B 59 -1.85 -21.13 1.16
N LEU B 60 -2.78 -22.05 0.89
CA LEU B 60 -4.07 -22.08 1.61
C LEU B 60 -3.79 -22.05 3.12
N MET B 61 -4.58 -21.30 3.87
CA MET B 61 -4.24 -21.00 5.26
C MET B 61 -4.12 -22.22 6.16
N THR B 62 -3.05 -22.26 6.95
CA THR B 62 -2.94 -23.18 8.07
C THR B 62 -3.45 -22.48 9.32
N ILE B 63 -4.27 -23.17 10.12
CA ILE B 63 -4.72 -22.64 11.40
C ILE B 63 -4.20 -23.51 12.55
N SER B 64 -3.30 -22.97 13.38
CA SER B 64 -2.67 -23.71 14.49
C SER B 64 -3.18 -23.31 15.87
N THR B 65 -3.74 -22.11 16.00
CA THR B 65 -4.21 -21.65 17.30
C THR B 65 -5.55 -20.97 17.19
N GLU B 66 -6.30 -20.99 18.29
CA GLU B 66 -7.57 -20.30 18.34
C GLU B 66 -7.42 -18.80 18.06
N ALA B 67 -6.33 -18.19 18.54
CA ALA B 67 -6.12 -16.76 18.35
C ALA B 67 -5.94 -16.45 16.88
N GLU B 68 -5.27 -17.37 16.17
CA GLU B 68 -5.09 -17.18 14.74
C GLU B 68 -6.46 -17.22 14.02
N GLN B 69 -7.31 -18.15 14.42
CA GLN B 69 -8.65 -18.24 13.85
C GLN B 69 -9.53 -17.04 14.20
N ASN B 70 -9.53 -16.66 15.49
CA ASN B 70 -10.25 -15.45 15.90
C ASN B 70 -9.82 -14.18 15.14
N PHE B 71 -8.58 -14.15 14.67
CA PHE B 71 -8.13 -13.04 13.84
C PHE B 71 -8.75 -13.11 12.44
N ILE B 72 -8.67 -14.28 11.81
CA ILE B 72 -9.02 -14.34 10.40
C ILE B 72 -10.52 -14.11 10.18
N ILE B 73 -11.35 -14.62 11.10
CA ILE B 73 -12.79 -14.65 10.89
C ILE B 73 -13.43 -13.27 10.91
N GLN B 74 -12.70 -12.28 11.40
CA GLN B 74 -13.16 -10.89 11.33
C GLN B 74 -13.35 -10.40 9.88
N PHE B 75 -12.53 -10.91 8.97
CA PHE B 75 -12.51 -10.44 7.58
C PHE B 75 -13.36 -11.28 6.62
N LEU B 76 -14.09 -12.25 7.18
CA LEU B 76 -14.83 -13.22 6.39
C LEU B 76 -16.30 -12.86 6.24
N ASP B 77 -16.89 -13.22 5.10
CA ASP B 77 -18.31 -13.02 4.85
C ASP B 77 -19.09 -14.21 5.44
N ARG B 78 -19.95 -13.95 6.41
CA ARG B 78 -20.68 -15.05 7.04
C ARG B 78 -21.58 -15.87 6.13
N ARG B 79 -21.76 -15.41 4.88
CA ARG B 79 -22.58 -16.17 3.93
C ARG B 79 -21.77 -17.23 3.21
N LEU B 80 -20.45 -17.14 3.30
CA LEU B 80 -19.57 -17.93 2.45
C LEU B 80 -18.78 -18.95 3.26
N SER B 81 -18.39 -20.04 2.59
CA SER B 81 -17.43 -20.99 3.14
C SER B 81 -16.04 -20.63 2.59
N TYR B 82 -15.01 -20.72 3.44
CA TYR B 82 -13.64 -20.44 2.99
C TYR B 82 -12.71 -21.64 3.16
N PHE B 83 -12.10 -22.07 2.05
CA PHE B 83 -11.19 -23.22 2.06
C PHE B 83 -9.95 -22.96 2.92
N LEU B 84 -9.59 -23.96 3.74
CA LEU B 84 -8.32 -23.95 4.47
C LEU B 84 -7.34 -24.92 3.80
N GLY B 85 -6.11 -24.97 4.30
CA GLY B 85 -5.09 -25.84 3.73
C GLY B 85 -5.16 -27.30 4.12
N LEU B 86 -6.17 -27.67 4.91
CA LEU B 86 -6.24 -29.01 5.52
C LEU B 86 -6.94 -30.01 4.61
N ARG B 87 -6.24 -31.11 4.29
CA ARG B 87 -6.78 -32.12 3.40
C ARG B 87 -6.47 -33.55 3.86
N ASP B 88 -7.44 -34.45 3.71
CA ASP B 88 -7.27 -35.87 3.97
C ASP B 88 -7.69 -36.55 2.66
N GLU B 89 -6.74 -36.74 1.75
CA GLU B 89 -7.10 -37.06 0.37
C GLU B 89 -7.52 -38.51 0.11
N ASN B 90 -7.10 -39.43 0.98
CA ASN B 90 -7.51 -40.83 0.85
C ASN B 90 -8.61 -41.21 1.85
N ALA B 91 -9.22 -40.19 2.45
CA ALA B 91 -10.37 -40.37 3.32
C ALA B 91 -10.14 -41.35 4.46
N LYS B 92 -8.89 -41.46 4.91
CA LYS B 92 -8.54 -42.35 6.00
C LYS B 92 -8.35 -41.58 7.29
N GLY B 93 -8.79 -40.33 7.31
CA GLY B 93 -8.65 -39.47 8.49
C GLY B 93 -7.23 -39.01 8.74
N GLN B 94 -6.43 -38.96 7.66
CA GLN B 94 -5.05 -38.49 7.75
C GLN B 94 -4.97 -37.04 7.26
N TRP B 95 -5.34 -36.11 8.13
CA TRP B 95 -5.37 -34.70 7.75
C TRP B 95 -3.94 -34.16 7.65
N ARG B 96 -3.63 -33.49 6.54
CA ARG B 96 -2.33 -32.85 6.34
C ARG B 96 -2.51 -31.42 5.85
N TRP B 97 -1.69 -30.52 6.36
CA TRP B 97 -1.68 -29.15 5.87
C TRP B 97 -0.85 -29.06 4.59
N VAL B 98 -1.40 -28.45 3.55
CA VAL B 98 -0.71 -28.36 2.27
C VAL B 98 0.62 -27.59 2.39
N ASP B 99 0.71 -26.68 3.36
CA ASP B 99 1.96 -25.92 3.52
C ASP B 99 2.97 -26.72 4.36
N GLN B 100 2.60 -27.98 4.63
CA GLN B 100 3.44 -28.97 5.32
C GLN B 100 3.67 -28.75 6.82
N THR B 101 2.97 -27.78 7.41
CA THR B 101 2.87 -27.69 8.86
C THR B 101 2.41 -29.06 9.39
N PRO B 102 3.12 -29.59 10.41
CA PRO B 102 2.67 -30.86 11.02
C PRO B 102 1.26 -30.71 11.60
N PHE B 103 0.38 -31.67 11.29
CA PHE B 103 -0.98 -31.58 11.78
C PHE B 103 -1.04 -31.87 13.27
N ASN B 104 -1.55 -30.91 14.05
CA ASN B 104 -1.73 -31.11 15.49
C ASN B 104 -3.18 -31.45 15.85
N PRO B 105 -3.47 -32.74 16.12
CA PRO B 105 -4.85 -33.19 16.36
C PRO B 105 -5.47 -32.66 17.65
N ARG B 106 -4.67 -31.98 18.47
CA ARG B 106 -5.17 -31.39 19.70
C ARG B 106 -5.56 -29.93 19.51
N ARG B 107 -5.38 -29.42 18.29
CA ARG B 107 -5.84 -28.06 17.96
C ARG B 107 -6.71 -28.08 16.71
N VAL B 108 -7.93 -28.61 16.84
CA VAL B 108 -8.88 -28.62 15.75
C VAL B 108 -10.10 -27.85 16.21
N PHE B 109 -10.84 -27.30 15.25
CA PHE B 109 -11.98 -26.46 15.58
C PHE B 109 -13.23 -26.85 14.78
N TRP B 110 -13.56 -28.13 14.83
CA TRP B 110 -14.72 -28.64 14.10
C TRP B 110 -16.01 -28.06 14.66
N HIS B 111 -16.99 -27.82 13.80
CA HIS B 111 -18.35 -27.65 14.27
C HIS B 111 -18.73 -28.98 14.89
N LYS B 112 -19.71 -28.97 15.77
CA LYS B 112 -20.28 -30.22 16.27
C LYS B 112 -20.81 -31.00 15.07
N ASN B 113 -20.79 -32.32 15.14
CA ASN B 113 -21.19 -33.19 14.03
C ASN B 113 -20.15 -33.31 12.92
N GLU B 114 -19.09 -32.51 12.99
CA GLU B 114 -18.02 -32.56 11.99
C GLU B 114 -16.79 -33.20 12.64
N PRO B 115 -15.90 -33.82 11.84
CA PRO B 115 -15.96 -34.01 10.38
C PRO B 115 -16.86 -35.19 10.04
N ASP B 116 -17.46 -35.17 8.86
CA ASP B 116 -18.42 -36.22 8.48
C ASP B 116 -18.51 -36.47 6.97
N ASN B 117 -17.57 -35.93 6.21
CA ASN B 117 -17.66 -36.04 4.76
C ASN B 117 -17.46 -37.47 4.27
N SER B 118 -18.23 -37.88 3.27
CA SER B 118 -18.14 -39.24 2.75
C SER B 118 -17.98 -39.31 1.24
N GLN B 119 -17.65 -38.19 0.60
CA GLN B 119 -17.66 -38.12 -0.85
C GLN B 119 -16.44 -37.36 -1.38
N GLY B 120 -15.69 -37.98 -2.27
CA GLY B 120 -14.51 -37.34 -2.84
C GLY B 120 -13.42 -37.22 -1.79
N GLU B 121 -12.30 -36.59 -2.14
CA GLU B 121 -11.26 -36.34 -1.14
C GLU B 121 -11.84 -35.38 -0.08
N ASN B 122 -11.36 -35.46 1.16
CA ASN B 122 -11.87 -34.58 2.22
C ASN B 122 -11.04 -33.31 2.39
N CYS B 123 -11.68 -32.16 2.18
CA CYS B 123 -11.06 -30.87 2.41
C CYS B 123 -11.82 -30.13 3.51
N VAL B 124 -11.30 -29.01 3.98
CA VAL B 124 -12.06 -28.29 5.00
C VAL B 124 -12.23 -26.79 4.80
N VAL B 125 -13.41 -26.30 5.16
CA VAL B 125 -13.69 -24.88 5.10
C VAL B 125 -13.99 -24.32 6.47
N LEU B 126 -13.76 -23.03 6.62
CA LEU B 126 -14.35 -22.26 7.69
C LEU B 126 -15.74 -21.90 7.20
N VAL B 127 -16.76 -22.16 8.01
CA VAL B 127 -18.12 -21.82 7.67
C VAL B 127 -18.78 -21.26 8.92
N TYR B 128 -19.69 -20.29 8.74
CA TYR B 128 -20.44 -19.71 9.85
C TYR B 128 -21.78 -20.43 9.95
N ASN B 129 -21.98 -21.10 11.07
CA ASN B 129 -23.20 -21.88 11.28
C ASN B 129 -23.54 -21.95 12.75
N GLN B 130 -24.83 -21.81 13.08
CA GLN B 130 -25.28 -21.75 14.47
C GLN B 130 -24.57 -20.64 15.22
N ASP B 131 -24.45 -19.48 14.57
CA ASP B 131 -23.90 -18.28 15.19
C ASP B 131 -22.44 -18.38 15.65
N LYS B 132 -21.68 -19.30 15.01
CA LYS B 132 -20.24 -19.35 15.24
C LYS B 132 -19.44 -19.79 14.00
N TRP B 133 -18.21 -19.29 13.88
CA TRP B 133 -17.27 -19.76 12.88
C TRP B 133 -16.58 -21.03 13.38
N ALA B 134 -16.56 -22.07 12.55
CA ALA B 134 -15.85 -23.32 12.86
C ALA B 134 -15.62 -24.13 11.58
N TRP B 135 -14.98 -25.29 11.72
CA TRP B 135 -14.58 -26.06 10.54
C TRP B 135 -15.64 -27.07 10.08
N ASN B 136 -15.75 -27.18 8.76
CA ASN B 136 -16.64 -28.15 8.14
C ASN B 136 -15.85 -28.89 7.06
N ASP B 137 -15.85 -30.22 7.10
CA ASP B 137 -15.18 -30.97 6.04
C ASP B 137 -16.11 -31.12 4.85
N VAL B 138 -15.52 -31.11 3.66
CA VAL B 138 -16.26 -30.87 2.45
C VAL B 138 -15.51 -31.59 1.34
N PRO B 139 -16.20 -32.00 0.27
CA PRO B 139 -15.48 -32.64 -0.84
C PRO B 139 -14.50 -31.67 -1.48
N CYS B 140 -13.29 -32.12 -1.84
CA CYS B 140 -12.28 -31.23 -2.42
C CYS B 140 -12.68 -30.64 -3.77
N ASN B 141 -13.58 -31.30 -4.48
CA ASN B 141 -14.05 -30.77 -5.77
C ASN B 141 -15.24 -29.82 -5.69
N PHE B 142 -15.76 -29.57 -4.47
CA PHE B 142 -16.75 -28.51 -4.30
C PHE B 142 -16.06 -27.17 -4.52
N GLU B 143 -16.84 -26.15 -4.83
CA GLU B 143 -16.29 -24.80 -4.97
C GLU B 143 -16.62 -23.98 -3.75
N ALA B 144 -15.66 -23.15 -3.31
CA ALA B 144 -15.86 -22.24 -2.17
C ALA B 144 -14.90 -21.07 -2.31
N SER B 145 -14.91 -20.18 -1.32
CA SER B 145 -13.94 -19.09 -1.29
C SER B 145 -12.64 -19.60 -0.67
N ARG B 146 -11.70 -18.70 -0.39
CA ARG B 146 -10.41 -19.16 0.14
C ARG B 146 -9.65 -18.11 0.97
N ILE B 147 -8.73 -18.61 1.82
CA ILE B 147 -7.80 -17.74 2.53
C ILE B 147 -6.35 -18.15 2.22
N CYS B 148 -5.57 -17.23 1.67
CA CYS B 148 -4.14 -17.46 1.43
C CYS B 148 -3.31 -16.94 2.62
N LYS B 149 -2.20 -17.62 2.88
CA LYS B 149 -1.28 -17.24 3.96
C LYS B 149 0.16 -17.26 3.45
N ILE B 150 0.95 -16.29 3.88
CA ILE B 150 2.38 -16.21 3.53
C ILE B 150 3.11 -15.64 4.74
N PRO B 151 4.35 -16.09 4.99
CA PRO B 151 5.06 -15.52 6.15
C PRO B 151 5.42 -14.05 5.91
N GLY B 152 5.40 -13.25 6.96
CA GLY B 152 5.70 -11.83 6.84
C GLY B 152 7.19 -11.61 6.65
N THR B 153 7.56 -10.36 6.43
CA THR B 153 8.98 -10.00 6.40
C THR B 153 9.18 -8.90 7.43
N THR B 154 10.28 -8.97 8.18
CA THR B 154 10.57 -7.90 9.13
C THR B 154 11.80 -7.10 8.67
N LEU B 155 11.70 -5.77 8.78
CA LEU B 155 12.77 -4.87 8.35
C LEU B 155 13.20 -3.93 9.49
N ASN B 156 14.44 -3.46 9.43
CA ASN B 156 14.98 -2.57 10.48
C ASN B 156 15.89 -1.44 9.95
CA CA C . 3.72 34.45 -15.10
CA CA D . -18.93 -31.98 6.55
#